data_4KMX
#
_entry.id   4KMX
#
_cell.length_a   99.193
_cell.length_b   99.193
_cell.length_c   56.869
_cell.angle_alpha   90.00
_cell.angle_beta   90.00
_cell.angle_gamma   120.00
#
_symmetry.space_group_name_H-M   'P 65'
#
loop_
_entity.id
_entity.type
_entity.pdbx_description
1 polymer 'Folate receptor alpha'
2 branched 2-acetamido-2-deoxy-beta-D-glucopyranose-(1-4)-[alpha-L-fucopyranose-(1-6)]2-acetamido-2-deoxy-beta-D-glucopyranose
3 non-polymer 'POTASSIUM ION'
4 non-polymer 'CHLORIDE ION'
5 non-polymer 2-acetamido-2-deoxy-beta-D-glucopyranose
6 water water
#
_entity_poly.entity_id   1
_entity_poly.type   'polypeptide(L)'
_entity_poly.pdbx_seq_one_letter_code
;WARTELLNVCMNAKHHKEKPGPEDKLHEQCRPWRKNACCSTNTSQEAHKDVSYLYRFNWNHCGEMAPACKRHFIQDTCLY
ECSPNLGPWIQQVDQSWRKERVLNVPLCKEDCEQWWEDCRTSYTCKSNWHKGWNWTSGFNKCAVGAACQPFHFYFPTPTV
LCNEIWTHSYKVSNYSRGSGRCIQMWFDPAQGNPNEEVARFYAAAMS
;
_entity_poly.pdbx_strand_id   A
#
# COMPACT_ATOMS: atom_id res chain seq x y z
N TRP A 1 -6.16 -18.23 22.52
CA TRP A 1 -6.83 -16.94 22.36
C TRP A 1 -6.23 -16.17 21.18
N ALA A 2 -7.10 -15.61 20.35
CA ALA A 2 -6.68 -14.81 19.21
C ALA A 2 -5.88 -13.60 19.68
N ARG A 3 -4.83 -13.27 18.92
CA ARG A 3 -4.03 -12.08 19.17
C ARG A 3 -4.76 -10.89 18.60
N THR A 4 -5.77 -10.44 19.35
CA THR A 4 -6.66 -9.38 18.91
C THR A 4 -5.98 -8.01 18.74
N GLU A 5 -4.81 -7.84 19.33
CA GLU A 5 -4.03 -6.62 19.12
C GLU A 5 -3.48 -6.58 17.70
N LEU A 6 -3.66 -7.68 16.96
CA LEU A 6 -3.20 -7.76 15.58
C LEU A 6 -4.35 -7.85 14.61
N LEU A 7 -5.58 -7.82 15.12
CA LEU A 7 -6.75 -8.10 14.30
C LEU A 7 -7.74 -6.95 14.32
N ASN A 8 -8.22 -6.57 13.14
CA ASN A 8 -9.15 -5.46 13.03
C ASN A 8 -8.60 -4.27 13.83
N VAL A 9 -7.33 -3.95 13.59
CA VAL A 9 -6.65 -2.86 14.29
C VAL A 9 -6.05 -1.80 13.36
N CYS A 10 -6.02 -0.56 13.85
CA CYS A 10 -5.36 0.53 13.18
C CYS A 10 -4.33 1.14 14.13
N MET A 11 -3.13 1.39 13.62
CA MET A 11 -2.10 2.02 14.42
C MET A 11 -2.25 3.53 14.30
N ASN A 12 -2.53 4.19 15.43
CA ASN A 12 -2.73 5.63 15.43
C ASN A 12 -1.44 6.39 15.72
N ALA A 13 -1.52 7.72 15.62
CA ALA A 13 -0.35 8.59 15.74
C ALA A 13 0.32 8.52 17.11
N LYS A 14 -0.43 8.11 18.13
CA LYS A 14 0.14 7.95 19.48
C LYS A 14 0.61 6.52 19.67
N HIS A 15 0.68 5.79 18.55
CA HIS A 15 1.15 4.41 18.51
C HIS A 15 0.39 3.46 19.42
N HIS A 16 -0.91 3.69 19.52
CA HIS A 16 -1.82 2.74 20.15
C HIS A 16 -2.70 2.11 19.07
N LYS A 17 -3.02 0.84 19.23
CA LYS A 17 -3.94 0.17 18.33
C LYS A 17 -5.34 0.66 18.64
N GLU A 18 -6.05 1.13 17.62
CA GLU A 18 -7.46 1.51 17.78
C GLU A 18 -8.33 0.82 16.74
N LYS A 19 -9.64 0.87 16.95
CA LYS A 19 -10.58 0.17 16.08
C LYS A 19 -10.87 0.96 14.81
N PRO A 20 -11.09 0.26 13.71
CA PRO A 20 -11.50 0.93 12.47
C PRO A 20 -12.93 1.46 12.59
N GLY A 21 -13.39 2.20 11.59
CA GLY A 21 -14.73 2.74 11.60
C GLY A 21 -15.18 3.07 10.19
N PRO A 22 -16.30 3.79 10.08
CA PRO A 22 -16.82 4.20 8.77
C PRO A 22 -15.77 5.02 8.02
N GLU A 23 -15.59 4.69 6.75
CA GLU A 23 -14.62 5.36 5.91
C GLU A 23 -14.90 6.85 5.81
N ASP A 24 -13.86 7.67 5.87
CA ASP A 24 -14.05 9.12 5.76
C ASP A 24 -14.30 9.58 4.32
N LYS A 25 -14.70 10.83 4.18
CA LYS A 25 -15.05 11.40 2.89
C LYS A 25 -13.86 11.43 1.91
N LEU A 26 -12.70 11.82 2.42
CA LEU A 26 -11.50 11.92 1.59
C LEU A 26 -11.19 10.59 0.90
N HIS A 27 -11.57 9.50 1.53
CA HIS A 27 -11.24 8.17 1.00
C HIS A 27 -12.44 7.48 0.33
N GLU A 28 -13.40 8.28 -0.14
CA GLU A 28 -14.59 7.74 -0.79
C GLU A 28 -14.27 6.80 -1.96
N GLN A 29 -13.15 7.01 -2.62
CA GLN A 29 -12.82 6.19 -3.79
C GLN A 29 -12.24 4.83 -3.38
N CYS A 30 -11.79 4.73 -2.15
CA CYS A 30 -11.37 3.45 -1.60
C CYS A 30 -12.61 2.62 -1.22
N ARG A 31 -13.40 2.30 -2.24
CA ARG A 31 -14.72 1.67 -2.09
C ARG A 31 -14.76 0.43 -1.20
N PRO A 32 -13.82 -0.51 -1.40
CA PRO A 32 -13.87 -1.78 -0.67
C PRO A 32 -13.90 -1.61 0.86
N TRP A 33 -13.43 -0.47 1.36
CA TRP A 33 -13.28 -0.24 2.79
C TRP A 33 -14.33 0.69 3.38
N ARG A 34 -15.39 0.95 2.62
CA ARG A 34 -16.40 1.91 3.03
C ARG A 34 -16.97 1.65 4.43
N LYS A 35 -17.19 0.38 4.76
CA LYS A 35 -17.86 0.03 6.03
C LYS A 35 -16.92 -0.17 7.22
N ASN A 36 -15.65 -0.41 6.94
CA ASN A 36 -14.69 -0.72 8.01
C ASN A 36 -13.27 -0.36 7.59
N ALA A 37 -12.78 0.77 8.09
CA ALA A 37 -11.52 1.34 7.60
C ALA A 37 -10.71 2.02 8.69
N CYS A 38 -9.39 2.02 8.51
CA CYS A 38 -8.49 2.80 9.36
C CYS A 38 -8.41 4.24 8.86
N CYS A 39 -8.97 4.49 7.68
CA CYS A 39 -9.13 5.85 7.18
C CYS A 39 -10.56 6.27 7.46
N SER A 40 -10.84 6.55 8.73
CA SER A 40 -12.22 6.68 9.19
C SER A 40 -12.54 8.02 9.82
N THR A 41 -13.83 8.34 9.82
CA THR A 41 -14.36 9.55 10.45
C THR A 41 -13.94 9.65 11.91
N LYS A 49 -4.87 18.39 8.21
CA LYS A 49 -5.53 17.22 8.79
C LYS A 49 -5.02 15.92 8.17
N ASP A 50 -5.42 15.65 6.93
CA ASP A 50 -5.08 14.39 6.26
C ASP A 50 -3.61 14.33 5.83
N VAL A 51 -3.17 13.12 5.54
CA VAL A 51 -1.82 12.88 5.04
C VAL A 51 -1.89 11.89 3.87
N SER A 52 -2.91 12.04 3.02
CA SER A 52 -3.26 11.00 2.06
C SER A 52 -2.52 11.09 0.72
N TYR A 53 -1.97 9.96 0.30
CA TYR A 53 -1.35 9.85 -1.01
C TYR A 53 -2.39 9.71 -2.11
N LEU A 54 -3.65 9.98 -1.79
CA LEU A 54 -4.68 10.07 -2.82
C LEU A 54 -4.49 11.35 -3.62
N TYR A 55 -3.73 12.31 -3.07
CA TYR A 55 -3.45 13.54 -3.81
C TYR A 55 -2.13 14.24 -3.43
N ARG A 56 -1.55 13.91 -2.30
CA ARG A 56 -0.32 14.57 -1.84
C ARG A 56 0.96 14.03 -2.51
N PHE A 57 0.83 12.97 -3.30
CA PHE A 57 1.99 12.37 -3.94
C PHE A 57 1.93 12.55 -5.45
N ASN A 58 3.05 12.99 -6.03
CA ASN A 58 3.14 13.20 -7.47
C ASN A 58 3.43 11.90 -8.24
N TRP A 59 2.36 11.26 -8.73
CA TRP A 59 2.48 10.08 -9.58
C TRP A 59 3.13 10.45 -10.92
N ASN A 60 2.94 11.69 -11.32
CA ASN A 60 3.42 12.16 -12.62
C ASN A 60 4.78 12.84 -12.54
N HIS A 61 5.71 12.24 -11.79
CA HIS A 61 7.03 12.84 -11.62
C HIS A 61 7.91 12.70 -12.86
N CYS A 62 7.55 11.77 -13.75
CA CYS A 62 8.25 11.61 -15.02
C CYS A 62 7.25 11.66 -16.19
N GLY A 63 6.54 12.76 -16.32
CA GLY A 63 5.45 12.85 -17.28
C GLY A 63 4.21 12.15 -16.74
N GLU A 64 3.15 12.12 -17.53
CA GLU A 64 1.90 11.54 -17.05
C GLU A 64 1.97 10.02 -16.92
N MET A 65 1.64 9.53 -15.73
CA MET A 65 1.51 8.10 -15.50
C MET A 65 0.28 7.56 -16.24
N ALA A 66 0.41 6.39 -16.86
CA ALA A 66 -0.72 5.77 -17.54
C ALA A 66 -1.82 5.43 -16.53
N PRO A 67 -3.08 5.65 -16.91
CA PRO A 67 -4.24 5.33 -16.07
C PRO A 67 -4.20 3.92 -15.50
N ALA A 68 -3.83 2.93 -16.31
CA ALA A 68 -3.79 1.54 -15.85
C ALA A 68 -2.76 1.39 -14.74
N CYS A 69 -1.68 2.15 -14.83
CA CYS A 69 -0.65 2.13 -13.80
C CYS A 69 -1.13 2.84 -12.54
N LYS A 70 -1.70 4.02 -12.72
CA LYS A 70 -2.13 4.80 -11.57
C LYS A 70 -3.19 4.07 -10.72
N ARG A 71 -4.05 3.29 -11.38
CA ARG A 71 -5.08 2.53 -10.68
C ARG A 71 -4.52 1.65 -9.57
N HIS A 72 -3.40 0.98 -9.86
CA HIS A 72 -2.74 0.13 -8.88
C HIS A 72 -2.21 0.96 -7.73
N PHE A 73 -1.71 2.15 -8.03
CA PHE A 73 -1.19 3.03 -6.99
C PHE A 73 -2.30 3.58 -6.10
N ILE A 74 -3.50 3.75 -6.66
CA ILE A 74 -4.68 4.06 -5.87
C ILE A 74 -5.06 2.90 -4.94
N GLN A 75 -5.10 1.69 -5.48
CA GLN A 75 -5.38 0.50 -4.69
C GLN A 75 -4.36 0.36 -3.56
N ASP A 76 -3.10 0.58 -3.91
CA ASP A 76 -1.95 0.53 -3.01
C ASP A 76 -2.13 1.57 -1.89
N THR A 77 -2.40 2.80 -2.27
CA THR A 77 -2.67 3.87 -1.31
C THR A 77 -3.84 3.52 -0.40
N CYS A 78 -4.92 3.01 -0.98
CA CYS A 78 -6.11 2.65 -0.24
C CYS A 78 -5.84 1.55 0.79
N LEU A 79 -5.17 0.48 0.38
CA LEU A 79 -4.81 -0.59 1.30
C LEU A 79 -4.04 -0.02 2.51
N TYR A 80 -2.95 0.69 2.23
CA TYR A 80 -2.09 1.23 3.28
C TYR A 80 -2.84 2.14 4.27
N GLU A 81 -3.70 3.01 3.73
CA GLU A 81 -4.35 4.02 4.55
C GLU A 81 -5.64 3.55 5.23
N CYS A 82 -6.26 2.50 4.69
CA CYS A 82 -7.61 2.13 5.12
C CYS A 82 -7.74 0.72 5.70
N SER A 83 -6.86 -0.19 5.29
CA SER A 83 -6.96 -1.57 5.73
C SER A 83 -6.82 -1.77 7.24
N PRO A 84 -7.81 -2.44 7.87
CA PRO A 84 -7.75 -2.84 9.27
C PRO A 84 -7.20 -4.26 9.44
N ASN A 85 -6.62 -4.80 8.37
CA ASN A 85 -6.11 -6.17 8.38
C ASN A 85 -4.62 -6.29 8.08
N LEU A 86 -3.83 -5.32 8.51
CA LEU A 86 -2.38 -5.36 8.35
C LEU A 86 -1.65 -5.54 9.70
N GLY A 87 -2.42 -5.70 10.78
CA GLY A 87 -1.87 -5.86 12.11
C GLY A 87 -0.61 -6.72 12.24
N PRO A 88 -0.62 -7.93 11.68
CA PRO A 88 0.53 -8.83 11.82
C PRO A 88 1.83 -8.27 11.25
N TRP A 89 1.76 -7.23 10.43
CA TRP A 89 2.95 -6.68 9.78
C TRP A 89 3.28 -5.26 10.26
N ILE A 90 2.44 -4.71 11.13
CA ILE A 90 2.66 -3.38 11.68
C ILE A 90 3.88 -3.34 12.60
N GLN A 91 4.75 -2.36 12.38
CA GLN A 91 5.98 -2.22 13.18
C GLN A 91 5.84 -1.14 14.24
N GLN A 92 6.69 -1.22 15.27
CA GLN A 92 6.64 -0.27 16.38
C GLN A 92 7.08 1.14 15.97
N VAL A 93 8.15 1.24 15.17
CA VAL A 93 8.68 2.53 14.73
C VAL A 93 8.20 2.87 13.31
N ASP A 94 7.69 4.09 13.15
CA ASP A 94 7.13 4.49 11.86
C ASP A 94 7.35 5.98 11.61
N GLN A 95 8.39 6.53 12.23
CA GLN A 95 8.62 7.97 12.20
C GLN A 95 8.81 8.52 10.79
N SER A 96 9.24 7.68 9.85
CA SER A 96 9.44 8.14 8.48
C SER A 96 8.20 7.98 7.61
N TRP A 97 7.15 7.39 8.17
CA TRP A 97 5.92 7.11 7.42
C TRP A 97 4.79 8.04 7.82
N ARG A 98 3.88 8.31 6.88
CA ARG A 98 2.77 9.21 7.15
C ARG A 98 1.79 8.61 8.15
N LYS A 99 1.58 7.30 8.07
CA LYS A 99 0.79 6.61 9.08
C LYS A 99 1.60 5.45 9.64
N GLU A 100 1.07 4.23 9.54
CA GLU A 100 1.76 3.06 10.08
C GLU A 100 2.96 2.67 9.23
N ARG A 101 3.85 1.86 9.81
CA ARG A 101 4.89 1.18 9.06
C ARG A 101 4.58 -0.31 9.05
N VAL A 102 4.45 -0.88 7.87
CA VAL A 102 4.26 -2.31 7.73
C VAL A 102 5.49 -2.92 7.06
N LEU A 103 5.78 -4.17 7.36
CA LEU A 103 6.98 -4.81 6.85
C LEU A 103 6.65 -6.20 6.34
N ASN A 104 6.95 -6.44 5.06
CA ASN A 104 6.82 -7.76 4.46
C ASN A 104 5.38 -8.29 4.35
N VAL A 105 4.45 -7.38 4.10
CA VAL A 105 3.07 -7.77 3.80
C VAL A 105 3.03 -8.71 2.60
N PRO A 106 2.46 -9.91 2.78
CA PRO A 106 2.47 -10.93 1.73
C PRO A 106 1.48 -10.62 0.59
N LEU A 107 1.86 -9.68 -0.27
CA LEU A 107 1.06 -9.30 -1.41
C LEU A 107 0.83 -10.50 -2.31
N CYS A 108 -0.40 -10.68 -2.81
CA CYS A 108 -0.70 -11.80 -3.67
C CYS A 108 0.09 -11.74 -4.97
N LYS A 109 0.45 -12.90 -5.50
CA LYS A 109 1.24 -13.02 -6.72
C LYS A 109 0.67 -12.17 -7.87
N GLU A 110 -0.64 -12.28 -8.10
CA GLU A 110 -1.30 -11.58 -9.21
C GLU A 110 -1.29 -10.07 -9.05
N ASP A 111 -1.61 -9.61 -7.86
CA ASP A 111 -1.63 -8.17 -7.58
C ASP A 111 -0.31 -7.56 -8.01
N CYS A 112 0.78 -8.20 -7.61
CA CYS A 112 2.13 -7.73 -7.94
C CYS A 112 2.45 -7.83 -9.43
N GLU A 113 2.18 -8.98 -10.03
CA GLU A 113 2.49 -9.17 -11.44
C GLU A 113 1.71 -8.23 -12.35
N GLN A 114 0.42 -8.07 -12.07
CA GLN A 114 -0.43 -7.18 -12.87
C GLN A 114 -0.02 -5.72 -12.69
N TRP A 115 0.36 -5.37 -11.47
CA TRP A 115 0.87 -4.05 -11.15
C TRP A 115 2.07 -3.75 -12.05
N TRP A 116 3.02 -4.69 -12.07
CA TRP A 116 4.25 -4.57 -12.83
C TRP A 116 3.99 -4.43 -14.34
N GLU A 117 3.07 -5.24 -14.85
CA GLU A 117 2.73 -5.18 -16.27
C GLU A 117 1.99 -3.91 -16.66
N ASP A 118 1.07 -3.46 -15.81
CA ASP A 118 0.26 -2.29 -16.13
C ASP A 118 1.04 -0.98 -16.05
N CYS A 119 2.23 -1.03 -15.47
CA CYS A 119 3.07 0.16 -15.32
C CYS A 119 4.25 0.17 -16.30
N ARG A 120 4.28 -0.82 -17.19
CA ARG A 120 5.35 -0.92 -18.19
C ARG A 120 5.54 0.36 -19.01
N THR A 121 4.44 1.00 -19.39
CA THR A 121 4.50 2.15 -20.29
C THR A 121 4.66 3.48 -19.56
N SER A 122 4.74 3.41 -18.24
CA SER A 122 4.95 4.60 -17.43
C SER A 122 6.44 4.78 -17.16
N TYR A 123 6.79 5.91 -16.55
CA TYR A 123 8.19 6.23 -16.27
C TYR A 123 8.38 6.59 -14.80
N THR A 124 9.60 6.40 -14.32
CA THR A 124 9.96 6.82 -12.97
C THR A 124 11.45 7.14 -12.92
N CYS A 125 11.91 7.73 -11.82
CA CYS A 125 13.29 8.18 -11.74
C CYS A 125 14.08 7.53 -10.60
N LYS A 126 13.43 6.64 -9.86
CA LYS A 126 14.08 5.99 -8.73
C LYS A 126 13.28 4.75 -8.31
N SER A 127 13.93 3.83 -7.58
CA SER A 127 13.30 2.57 -7.18
C SER A 127 12.75 2.58 -5.76
N ASN A 128 13.34 3.39 -4.89
CA ASN A 128 12.81 3.58 -3.55
C ASN A 128 11.99 4.86 -3.46
N TRP A 129 10.68 4.73 -3.63
CA TRP A 129 9.78 5.88 -3.58
C TRP A 129 9.49 6.35 -2.15
N HIS A 130 10.03 5.64 -1.16
CA HIS A 130 9.83 6.06 0.22
C HIS A 130 10.76 7.20 0.66
N LYS A 131 11.83 7.43 -0.08
CA LYS A 131 12.80 8.46 0.31
C LYS A 131 13.53 9.11 -0.88
N GLY A 132 14.18 10.23 -0.62
CA GLY A 132 15.05 10.87 -1.59
C GLY A 132 14.36 11.78 -2.60
N TRP A 133 13.09 12.11 -2.37
CA TRP A 133 12.40 13.04 -3.26
C TRP A 133 12.73 14.48 -2.93
N ASN A 134 12.58 15.36 -3.92
CA ASN A 134 12.71 16.79 -3.72
C ASN A 134 11.33 17.39 -3.46
N TRP A 135 11.11 17.89 -2.25
CA TRP A 135 9.79 18.34 -1.82
C TRP A 135 9.61 19.87 -1.81
N THR A 136 10.51 20.57 -2.49
CA THR A 136 10.50 22.03 -2.53
C THR A 136 9.17 22.65 -2.97
N SER A 137 8.54 22.07 -3.99
CA SER A 137 7.33 22.64 -4.55
C SER A 137 6.06 22.35 -3.74
N GLY A 138 6.19 21.58 -2.67
CA GLY A 138 5.03 21.16 -1.90
C GLY A 138 4.59 19.76 -2.27
N PHE A 139 5.13 19.25 -3.38
CA PHE A 139 4.95 17.85 -3.74
C PHE A 139 6.29 17.30 -4.25
N ASN A 140 6.36 15.99 -4.44
CA ASN A 140 7.62 15.33 -4.80
C ASN A 140 8.00 15.42 -6.28
N LYS A 141 9.23 15.86 -6.54
CA LYS A 141 9.82 15.81 -7.87
C LYS A 141 11.13 15.03 -7.78
N CYS A 142 11.54 14.43 -8.89
CA CYS A 142 12.81 13.72 -8.93
C CYS A 142 13.92 14.70 -8.56
N ALA A 143 14.81 14.28 -7.68
CA ALA A 143 15.95 15.11 -7.32
C ALA A 143 16.90 15.22 -8.50
N VAL A 144 17.71 16.27 -8.50
CA VAL A 144 18.78 16.44 -9.48
C VAL A 144 19.64 15.18 -9.51
N GLY A 145 19.91 14.69 -10.72
CA GLY A 145 20.73 13.49 -10.87
C GLY A 145 19.90 12.22 -11.02
N ALA A 146 18.62 12.29 -10.70
CA ALA A 146 17.73 11.12 -10.82
C ALA A 146 17.03 11.13 -12.17
N ALA A 147 17.51 10.28 -13.08
CA ALA A 147 17.03 10.28 -14.46
C ALA A 147 15.73 9.50 -14.62
N CYS A 148 14.77 10.11 -15.30
CA CYS A 148 13.54 9.41 -15.65
C CYS A 148 13.85 8.33 -16.68
N GLN A 149 13.26 7.15 -16.48
CA GLN A 149 13.48 6.01 -17.37
C GLN A 149 12.19 5.18 -17.41
N PRO A 150 12.09 4.24 -18.34
CA PRO A 150 10.93 3.34 -18.35
C PRO A 150 10.79 2.67 -16.98
N PHE A 151 9.55 2.42 -16.57
CA PHE A 151 9.27 1.86 -15.25
C PHE A 151 10.14 0.65 -14.92
N HIS A 152 10.31 -0.25 -15.87
CA HIS A 152 11.00 -1.52 -15.62
C HIS A 152 12.52 -1.36 -15.56
N PHE A 153 13.00 -0.18 -15.93
CA PHE A 153 14.40 0.17 -15.72
C PHE A 153 14.70 0.21 -14.22
N TYR A 154 13.80 0.80 -13.44
CA TYR A 154 13.99 0.82 -11.99
C TYR A 154 13.38 -0.40 -11.30
N PHE A 155 12.37 -0.98 -11.94
CA PHE A 155 11.72 -2.18 -11.41
C PHE A 155 11.74 -3.29 -12.45
N PRO A 156 12.91 -3.94 -12.60
CA PRO A 156 13.09 -4.90 -13.70
C PRO A 156 12.33 -6.22 -13.54
N THR A 157 11.80 -6.48 -12.34
CA THR A 157 10.95 -7.66 -12.11
C THR A 157 9.83 -7.28 -11.15
N PRO A 158 8.70 -8.01 -11.19
CA PRO A 158 7.61 -7.75 -10.25
C PRO A 158 8.10 -7.72 -8.80
N THR A 159 9.01 -8.63 -8.45
CA THR A 159 9.56 -8.71 -7.11
C THR A 159 10.25 -7.41 -6.69
N VAL A 160 11.04 -6.83 -7.58
CA VAL A 160 11.74 -5.58 -7.27
C VAL A 160 10.73 -4.44 -7.11
N LEU A 161 9.73 -4.39 -7.98
CA LEU A 161 8.66 -3.40 -7.86
C LEU A 161 7.98 -3.47 -6.49
N CYS A 162 7.38 -4.62 -6.22
CA CYS A 162 6.52 -4.77 -5.05
C CYS A 162 7.30 -4.72 -3.74
N ASN A 163 8.51 -5.28 -3.75
CA ASN A 163 9.33 -5.36 -2.54
C ASN A 163 10.11 -4.08 -2.28
N GLU A 164 10.53 -3.38 -3.32
CA GLU A 164 11.42 -2.24 -3.16
C GLU A 164 10.77 -0.86 -3.25
N ILE A 165 9.68 -0.74 -4.00
CA ILE A 165 9.10 0.58 -4.25
C ILE A 165 8.78 1.32 -2.95
N TRP A 166 8.25 0.61 -1.97
CA TRP A 166 8.01 1.23 -0.66
C TRP A 166 8.89 0.57 0.40
N THR A 167 10.15 0.36 0.04
CA THR A 167 11.16 -0.21 0.92
C THR A 167 10.64 -1.34 1.83
N HIS A 168 10.21 -2.43 1.20
CA HIS A 168 9.84 -3.66 1.89
C HIS A 168 8.55 -3.61 2.70
N SER A 169 7.68 -2.65 2.36
CA SER A 169 6.34 -2.63 2.90
C SER A 169 5.62 -3.91 2.46
N TYR A 170 5.89 -4.33 1.23
CA TYR A 170 5.39 -5.60 0.73
C TYR A 170 6.54 -6.60 0.60
N LYS A 171 6.22 -7.87 0.78
CA LYS A 171 7.05 -8.94 0.29
C LYS A 171 6.15 -9.84 -0.56
N VAL A 172 6.24 -9.68 -1.88
CA VAL A 172 5.36 -10.43 -2.78
C VAL A 172 5.36 -11.93 -2.44
N SER A 173 4.16 -12.49 -2.35
CA SER A 173 3.97 -13.88 -1.93
C SER A 173 3.94 -14.83 -3.13
N ASN A 174 4.36 -16.06 -2.90
CA ASN A 174 4.23 -17.10 -3.92
C ASN A 174 2.79 -17.63 -3.99
N TYR A 175 1.99 -17.29 -2.97
CA TYR A 175 0.57 -17.63 -2.96
C TYR A 175 -0.25 -16.70 -3.84
N SER A 176 -1.41 -17.18 -4.27
CA SER A 176 -2.29 -16.43 -5.16
C SER A 176 -3.61 -16.10 -4.46
N ARG A 177 -4.38 -15.17 -5.02
CA ARG A 177 -5.69 -14.83 -4.49
C ARG A 177 -6.55 -16.08 -4.26
N GLY A 178 -7.27 -16.10 -3.16
CA GLY A 178 -8.11 -17.24 -2.83
C GLY A 178 -7.41 -18.27 -1.98
N SER A 179 -6.08 -18.16 -1.89
CA SER A 179 -5.30 -19.09 -1.08
C SER A 179 -5.61 -18.93 0.39
N GLY A 180 -6.03 -17.73 0.79
CA GLY A 180 -6.23 -17.40 2.18
C GLY A 180 -4.93 -17.05 2.86
N ARG A 181 -3.86 -16.94 2.07
CA ARG A 181 -2.53 -16.75 2.63
C ARG A 181 -1.76 -15.57 2.02
N CYS A 182 -2.44 -14.73 1.26
CA CYS A 182 -1.81 -13.50 0.77
C CYS A 182 -2.78 -12.32 0.83
N ILE A 183 -2.23 -11.13 1.00
CA ILE A 183 -3.02 -9.93 1.10
C ILE A 183 -3.35 -9.34 -0.27
N GLN A 184 -4.63 -9.08 -0.51
CA GLN A 184 -5.13 -8.48 -1.74
C GLN A 184 -5.17 -6.97 -1.64
N MET A 185 -4.89 -6.29 -2.75
CA MET A 185 -4.81 -4.84 -2.80
C MET A 185 -6.18 -4.20 -3.08
N TRP A 186 -7.14 -5.04 -3.45
CA TRP A 186 -8.48 -4.60 -3.81
C TRP A 186 -9.39 -5.81 -3.83
N PHE A 187 -10.70 -5.58 -3.74
CA PHE A 187 -11.67 -6.66 -3.73
C PHE A 187 -13.07 -6.09 -3.83
N ASP A 188 -14.03 -6.98 -4.09
CA ASP A 188 -15.44 -6.62 -4.13
C ASP A 188 -16.01 -6.87 -2.73
N PRO A 189 -16.32 -5.78 -2.00
CA PRO A 189 -16.78 -5.87 -0.62
C PRO A 189 -18.14 -6.58 -0.46
N ALA A 190 -18.93 -6.61 -1.53
CA ALA A 190 -20.22 -7.31 -1.48
C ALA A 190 -19.98 -8.80 -1.27
N GLN A 191 -18.79 -9.27 -1.64
CA GLN A 191 -18.44 -10.67 -1.48
C GLN A 191 -17.56 -10.87 -0.24
N GLY A 192 -17.65 -9.94 0.71
CA GLY A 192 -16.82 -9.99 1.89
C GLY A 192 -15.42 -9.43 1.72
N ASN A 193 -14.69 -9.30 2.81
CA ASN A 193 -13.30 -8.85 2.80
C ASN A 193 -12.34 -10.02 2.96
N PRO A 194 -11.69 -10.43 1.87
CA PRO A 194 -10.85 -11.63 1.85
C PRO A 194 -9.58 -11.53 2.73
N ASN A 195 -9.14 -10.33 3.06
CA ASN A 195 -7.90 -10.20 3.83
C ASN A 195 -8.08 -10.41 5.33
N GLU A 196 -9.33 -10.43 5.78
CA GLU A 196 -9.63 -10.68 7.20
C GLU A 196 -9.15 -12.06 7.66
N GLU A 197 -9.44 -13.09 6.85
CA GLU A 197 -8.98 -14.43 7.17
C GLU A 197 -7.47 -14.57 6.99
N VAL A 198 -6.91 -13.82 6.05
CA VAL A 198 -5.47 -13.78 5.85
C VAL A 198 -4.76 -13.19 7.08
N ALA A 199 -5.29 -12.10 7.61
CA ALA A 199 -4.75 -11.52 8.83
C ALA A 199 -4.88 -12.50 9.99
N ARG A 200 -6.06 -13.11 10.13
CA ARG A 200 -6.28 -14.08 11.20
C ARG A 200 -5.29 -15.23 11.10
N PHE A 201 -5.05 -15.68 9.87
CA PHE A 201 -4.12 -16.79 9.63
C PHE A 201 -2.71 -16.46 10.13
N TYR A 202 -2.18 -15.32 9.72
CA TYR A 202 -0.82 -14.92 10.09
C TYR A 202 -0.66 -14.54 11.56
N ALA A 203 -1.72 -14.00 12.15
CA ALA A 203 -1.72 -13.71 13.57
C ALA A 203 -1.60 -15.00 14.39
N ALA A 204 -2.18 -16.08 13.87
CA ALA A 204 -2.18 -17.37 14.53
C ALA A 204 -0.86 -18.11 14.34
N ALA A 205 -0.17 -17.82 13.24
CA ALA A 205 1.03 -18.55 12.87
C ALA A 205 2.32 -17.87 13.37
N MET A 206 2.31 -16.55 13.36
CA MET A 206 3.49 -15.79 13.73
C MET A 206 3.58 -15.61 15.24
#